data_4HIB
#
_entry.id   4HIB
#
_cell.length_a   69.780
_cell.length_b   61.640
_cell.length_c   71.370
_cell.angle_alpha   90.00
_cell.angle_beta   112.08
_cell.angle_gamma   90.00
#
_symmetry.space_group_name_H-M   'P 1 21 1'
#
loop_
_entity.id
_entity.type
_entity.pdbx_description
1 polymer "Uridine 5'-monophosphate synthase"
2 non-polymer GLYCEROL
3 non-polymer 'CHLORIDE ION'
4 non-polymer "N-hydroxycytidine 5'-(dihydrogen phosphate)"
5 water water
#
_entity_poly.entity_id   1
_entity_poly.type   'polypeptide(L)'
_entity_poly.pdbx_seq_one_letter_code
;MGSSHHHHHHSSGLVPRGSHMDAETVGRVKRFIQENVFVAANHNGSPLSIKEAPKELSFGARAELPRIHPVASKLLRLMQ
KKETNLCLSADVSLARELLQLADALGPSICMLKTHVDILNDFTLDVMKELITLAKCHEFLIFEDRKFADIGNTVKKQYEG
GIFKIASWADLVNAHVVPGSGVVKGLQEVGLPLHRGCLLIAEMSSTGSLATGDYTRAAVRMAEEHSEFVVGFISGSRVSM
KPEFLHLTPGVQLEAGGDNLGQQYNSPQEVIGKRGSDIIIVGRGIISAADRLEAAEMYRKAAWEAYLSRLGV
;
_entity_poly.pdbx_strand_id   A,B
#
# COMPACT_ATOMS: atom_id res chain seq x y z
N GLU A 56 7.92 -3.14 33.38
CA GLU A 56 7.62 -4.20 32.38
C GLU A 56 6.40 -5.05 32.80
N LEU A 57 5.23 -4.82 32.17
CA LEU A 57 4.05 -5.56 32.57
C LEU A 57 3.84 -6.82 31.72
N SER A 58 3.12 -7.77 32.26
CA SER A 58 2.84 -8.99 31.50
C SER A 58 1.83 -8.64 30.41
N PHE A 59 1.67 -9.57 29.45
CA PHE A 59 0.64 -9.36 28.45
C PHE A 59 -0.72 -9.25 29.10
N GLY A 60 -0.96 -10.16 30.03
CA GLY A 60 -2.20 -10.26 30.85
C GLY A 60 -2.55 -8.96 31.49
N ALA A 61 -1.58 -8.34 32.18
CA ALA A 61 -1.80 -7.06 32.83
C ALA A 61 -1.98 -5.91 31.84
N ARG A 62 -1.22 -5.89 30.73
CA ARG A 62 -1.42 -4.84 29.75
C ARG A 62 -2.86 -4.96 29.18
N ALA A 63 -3.45 -6.18 29.14
CA ALA A 63 -4.82 -6.38 28.58
C ALA A 63 -5.85 -5.67 29.43
N GLU A 64 -5.44 -5.33 30.65
CA GLU A 64 -6.33 -4.64 31.64
C GLU A 64 -6.09 -3.15 31.78
N LEU A 65 -5.15 -2.55 31.03
CA LEU A 65 -4.80 -1.15 31.23
C LEU A 65 -6.07 -0.29 30.93
N PRO A 66 -6.31 0.70 31.79
CA PRO A 66 -7.48 1.56 31.54
C PRO A 66 -7.63 2.10 30.08
N ARG A 67 -6.54 2.51 29.45
CA ARG A 67 -6.59 3.10 28.08
C ARG A 67 -6.42 2.07 26.94
N ILE A 68 -6.38 0.79 27.25
CA ILE A 68 -6.18 -0.27 26.24
C ILE A 68 -7.31 -0.29 25.20
N HIS A 69 -6.97 -0.49 23.91
CA HIS A 69 -7.96 -0.68 22.87
C HIS A 69 -8.54 -2.05 22.99
N PRO A 70 -9.88 -2.26 22.81
CA PRO A 70 -10.46 -3.55 22.97
C PRO A 70 -9.81 -4.64 22.09
N VAL A 71 -9.35 -4.26 20.92
CA VAL A 71 -8.75 -5.30 20.03
C VAL A 71 -7.37 -5.69 20.62
N ALA A 72 -6.66 -4.70 21.13
CA ALA A 72 -5.30 -4.98 21.72
C ALA A 72 -5.51 -5.83 22.94
N SER A 73 -6.55 -5.49 23.73
CA SER A 73 -6.90 -6.25 24.89
C SER A 73 -7.31 -7.66 24.56
N LYS A 74 -8.12 -7.82 23.52
CA LYS A 74 -8.44 -9.18 23.12
C LYS A 74 -7.19 -10.00 22.67
N LEU A 75 -6.30 -9.33 21.95
CA LEU A 75 -5.06 -10.02 21.47
C LEU A 75 -4.15 -10.39 22.69
N LEU A 76 -3.90 -9.43 23.58
CA LEU A 76 -3.12 -9.68 24.80
C LEU A 76 -3.60 -10.82 25.70
N ARG A 77 -4.93 -10.93 25.94
CA ARG A 77 -5.55 -11.99 26.75
CA ARG A 77 -5.55 -12.00 26.74
C ARG A 77 -5.34 -13.35 26.09
N LEU A 78 -5.53 -13.43 24.76
CA LEU A 78 -5.27 -14.68 24.08
C LEU A 78 -3.77 -15.05 23.97
N MET A 79 -2.88 -14.06 23.87
CA MET A 79 -1.42 -14.35 23.91
C MET A 79 -1.08 -14.95 25.31
N GLN A 80 -1.55 -14.29 26.37
CA GLN A 80 -1.38 -14.87 27.72
C GLN A 80 -1.97 -16.28 27.91
N LYS A 81 -3.20 -16.49 27.47
CA LYS A 81 -3.85 -17.75 27.63
C LYS A 81 -3.12 -18.89 26.91
N LYS A 82 -2.66 -18.61 25.71
CA LYS A 82 -2.14 -19.66 24.84
C LYS A 82 -0.64 -19.74 24.88
N GLU A 83 -0.02 -18.82 25.58
CA GLU A 83 1.43 -18.68 25.67
C GLU A 83 2.04 -18.56 24.28
N THR A 84 1.49 -17.62 23.51
CA THR A 84 2.10 -17.40 22.20
C THR A 84 2.13 -15.96 21.84
N ASN A 85 3.28 -15.50 21.36
CA ASN A 85 3.44 -14.22 20.80
C ASN A 85 3.99 -14.33 19.37
N LEU A 86 3.49 -15.35 18.64
CA LEU A 86 3.91 -15.64 17.27
C LEU A 86 2.76 -15.30 16.29
N CYS A 87 3.06 -14.45 15.37
CA CYS A 87 2.16 -14.15 14.20
C CYS A 87 2.69 -14.91 12.98
N LEU A 88 1.84 -15.76 12.38
CA LEU A 88 2.26 -16.50 11.21
C LEU A 88 1.95 -15.64 9.96
N SER A 89 2.98 -15.45 9.09
CA SER A 89 2.78 -14.80 7.83
C SER A 89 2.38 -15.85 6.83
N ALA A 90 1.08 -15.89 6.57
CA ALA A 90 0.52 -16.95 5.74
C ALA A 90 0.67 -16.65 4.27
N ASP A 91 1.92 -16.64 3.84
CA ASP A 91 2.27 -16.21 2.47
C ASP A 91 2.10 -17.37 1.50
N VAL A 92 0.86 -17.59 1.09
CA VAL A 92 0.50 -18.67 0.15
C VAL A 92 -0.36 -18.15 -1.01
N SER A 93 -0.45 -18.90 -2.11
CA SER A 93 -1.23 -18.41 -3.24
CA SER A 93 -1.23 -18.42 -3.24
C SER A 93 -2.63 -19.04 -3.36
N LEU A 94 -2.90 -20.14 -2.65
CA LEU A 94 -4.24 -20.79 -2.74
C LEU A 94 -5.03 -20.68 -1.43
N ALA A 95 -6.33 -20.44 -1.58
CA ALA A 95 -7.21 -20.41 -0.43
C ALA A 95 -7.16 -21.71 0.40
N ARG A 96 -7.10 -22.88 -0.25
CA ARG A 96 -6.97 -24.11 0.58
C ARG A 96 -5.69 -24.18 1.42
N GLU A 97 -4.57 -23.70 0.91
CA GLU A 97 -3.35 -23.58 1.70
C GLU A 97 -3.47 -22.66 2.86
N LEU A 98 -4.06 -21.49 2.63
CA LEU A 98 -4.23 -20.53 3.67
C LEU A 98 -5.10 -21.16 4.78
N LEU A 99 -6.21 -21.86 4.42
CA LEU A 99 -7.12 -22.45 5.46
C LEU A 99 -6.46 -23.67 6.17
N GLN A 100 -5.69 -24.46 5.43
CA GLN A 100 -4.94 -25.60 6.01
C GLN A 100 -3.92 -25.12 6.99
N LEU A 101 -3.17 -24.10 6.63
CA LEU A 101 -2.25 -23.56 7.58
C LEU A 101 -2.91 -22.91 8.84
N ALA A 102 -4.00 -22.17 8.63
CA ALA A 102 -4.67 -21.53 9.75
C ALA A 102 -5.20 -22.62 10.70
N ASP A 103 -5.77 -23.68 10.15
CA ASP A 103 -6.34 -24.75 11.00
C ASP A 103 -5.24 -25.53 11.76
N ALA A 104 -4.15 -25.89 11.08
CA ALA A 104 -3.09 -26.69 11.69
C ALA A 104 -2.21 -25.89 12.65
N LEU A 105 -1.96 -24.62 12.35
CA LEU A 105 -1.04 -23.84 13.16
C LEU A 105 -1.76 -22.90 14.10
N GLY A 106 -3.08 -22.82 13.95
CA GLY A 106 -3.89 -21.94 14.86
C GLY A 106 -3.52 -22.06 16.35
N PRO A 107 -3.37 -23.28 16.84
CA PRO A 107 -3.15 -23.38 18.27
C PRO A 107 -1.84 -22.74 18.69
N SER A 108 -0.88 -22.65 17.76
CA SER A 108 0.42 -22.09 18.11
C SER A 108 0.58 -20.64 17.93
N ILE A 109 -0.45 -19.95 17.42
CA ILE A 109 -0.24 -18.56 17.08
C ILE A 109 -1.21 -17.60 17.80
N CYS A 110 -0.82 -16.35 17.95
CA CYS A 110 -1.81 -15.32 18.42
C CYS A 110 -2.45 -14.57 17.24
N MET A 111 -1.93 -14.77 16.02
CA MET A 111 -2.32 -13.88 14.88
C MET A 111 -1.91 -14.55 13.58
N LEU A 112 -2.71 -14.36 12.56
CA LEU A 112 -2.39 -14.84 11.21
C LEU A 112 -2.37 -13.59 10.33
N LYS A 113 -1.28 -13.37 9.61
CA LYS A 113 -1.12 -12.24 8.72
C LYS A 113 -1.37 -12.67 7.26
N THR A 114 -2.31 -11.98 6.56
CA THR A 114 -2.67 -12.33 5.19
C THR A 114 -2.18 -11.25 4.20
N HIS A 115 -2.03 -11.64 2.95
CA HIS A 115 -1.99 -10.70 1.81
C HIS A 115 -3.08 -11.20 0.88
N VAL A 116 -4.28 -10.72 1.09
CA VAL A 116 -5.44 -11.23 0.33
CA VAL A 116 -5.40 -11.25 0.35
C VAL A 116 -5.28 -11.00 -1.16
N ASP A 117 -4.51 -9.99 -1.50
CA ASP A 117 -4.32 -9.65 -2.92
C ASP A 117 -3.32 -10.54 -3.64
N ILE A 118 -2.75 -11.56 -2.95
CA ILE A 118 -1.89 -12.52 -3.55
CA ILE A 118 -1.90 -12.54 -3.60
C ILE A 118 -2.61 -13.85 -3.72
N LEU A 119 -3.82 -13.98 -3.12
CA LEU A 119 -4.57 -15.19 -3.27
C LEU A 119 -5.18 -15.36 -4.66
N ASN A 120 -4.84 -16.45 -5.35
CA ASN A 120 -5.38 -16.65 -6.68
C ASN A 120 -6.86 -16.86 -6.74
N ASP A 121 -7.44 -17.33 -5.65
CA ASP A 121 -8.84 -17.73 -5.71
C ASP A 121 -9.59 -17.18 -4.51
N PHE A 122 -9.19 -15.99 -4.08
CA PHE A 122 -9.93 -15.25 -3.05
C PHE A 122 -11.47 -15.22 -3.33
N THR A 123 -12.29 -15.49 -2.32
CA THR A 123 -13.72 -15.09 -2.31
C THR A 123 -14.02 -14.73 -0.88
N LEU A 124 -15.09 -14.00 -0.66
CA LEU A 124 -15.41 -13.67 0.70
C LEU A 124 -15.73 -14.95 1.47
N ASP A 125 -16.14 -16.02 0.78
CA ASP A 125 -16.40 -17.26 1.52
CA ASP A 125 -16.39 -17.33 1.43
C ASP A 125 -15.11 -17.91 2.08
N VAL A 126 -13.99 -17.69 1.40
CA VAL A 126 -12.71 -18.06 2.00
C VAL A 126 -12.54 -17.29 3.32
N MET A 127 -12.89 -15.99 3.36
CA MET A 127 -12.55 -15.18 4.62
CA MET A 127 -12.57 -15.20 4.56
C MET A 127 -13.54 -15.57 5.70
N LYS A 128 -14.79 -15.84 5.33
CA LYS A 128 -15.77 -16.35 6.27
C LYS A 128 -15.23 -17.64 6.95
N GLU A 129 -14.67 -18.58 6.17
CA GLU A 129 -14.06 -19.81 6.73
C GLU A 129 -12.80 -19.53 7.57
N LEU A 130 -11.98 -18.56 7.15
CA LEU A 130 -10.87 -18.13 7.95
C LEU A 130 -11.33 -17.60 9.32
N ILE A 131 -12.40 -16.79 9.35
CA ILE A 131 -12.91 -16.30 10.61
C ILE A 131 -13.37 -17.43 11.55
N THR A 132 -14.04 -18.43 10.99
CA THR A 132 -14.44 -19.59 11.81
C THR A 132 -13.22 -20.24 12.49
N LEU A 133 -12.14 -20.43 11.72
CA LEU A 133 -10.84 -20.90 12.28
C LEU A 133 -10.23 -19.94 13.32
N ALA A 134 -10.27 -18.63 13.05
CA ALA A 134 -9.72 -17.64 14.00
C ALA A 134 -10.52 -17.70 15.35
N LYS A 135 -11.82 -17.87 15.27
CA LYS A 135 -12.70 -17.94 16.44
C LYS A 135 -12.45 -19.27 17.17
N CYS A 136 -12.40 -20.37 16.43
CA CYS A 136 -12.19 -21.72 17.01
CA CYS A 136 -12.19 -21.67 17.05
C CYS A 136 -10.83 -21.81 17.73
N HIS A 137 -9.75 -21.41 17.05
CA HIS A 137 -8.41 -21.60 17.62
C HIS A 137 -7.98 -20.41 18.39
N GLU A 138 -8.70 -19.28 18.27
CA GLU A 138 -8.36 -18.03 18.99
C GLU A 138 -7.09 -17.33 18.52
N PHE A 139 -7.19 -16.70 17.33
CA PHE A 139 -6.18 -15.77 16.93
C PHE A 139 -6.84 -14.62 16.20
N LEU A 140 -6.14 -13.52 16.04
CA LEU A 140 -6.69 -12.42 15.28
CA LEU A 140 -6.60 -12.35 15.29
C LEU A 140 -6.20 -12.53 13.83
N ILE A 141 -6.99 -11.97 12.93
CA ILE A 141 -6.60 -11.85 11.51
C ILE A 141 -6.06 -10.45 11.20
N PHE A 142 -4.83 -10.40 10.67
CA PHE A 142 -4.14 -9.14 10.34
C PHE A 142 -3.88 -9.14 8.81
N GLU A 143 -4.65 -8.30 8.07
CA GLU A 143 -4.46 -8.17 6.66
C GLU A 143 -3.35 -7.14 6.43
N ASP A 144 -2.26 -7.60 5.81
CA ASP A 144 -1.02 -6.73 5.69
C ASP A 144 -1.09 -5.91 4.41
N ARG A 145 -2.11 -5.03 4.36
CA ARG A 145 -2.39 -4.23 3.18
C ARG A 145 -1.50 -2.99 3.00
N LYS A 146 -0.88 -2.51 4.07
CA LYS A 146 0.02 -1.37 3.98
C LYS A 146 -0.65 -0.18 3.25
N PHE A 147 -1.83 0.16 3.75
CA PHE A 147 -2.51 1.38 3.19
C PHE A 147 -1.60 2.54 3.17
N ALA A 148 -1.63 3.32 2.08
CA ALA A 148 -0.60 4.38 1.96
C ALA A 148 -1.01 5.46 0.95
N ASP A 149 -2.31 5.74 0.91
CA ASP A 149 -2.90 6.68 -0.06
C ASP A 149 -3.51 7.80 0.78
N ILE A 150 -4.12 8.78 0.12
CA ILE A 150 -4.89 9.78 0.88
C ILE A 150 -6.12 9.18 1.61
N GLY A 151 -6.63 9.93 2.63
CA GLY A 151 -7.68 9.37 3.48
C GLY A 151 -8.93 9.06 2.69
N ASN A 152 -9.28 9.92 1.73
CA ASN A 152 -10.52 9.62 0.95
C ASN A 152 -10.43 8.27 0.17
N THR A 153 -9.23 7.97 -0.36
CA THR A 153 -9.05 6.74 -1.13
C THR A 153 -8.94 5.53 -0.21
N VAL A 154 -8.14 5.62 0.87
CA VAL A 154 -7.96 4.42 1.76
C VAL A 154 -9.26 3.95 2.38
N LYS A 155 -10.16 4.92 2.64
CA LYS A 155 -11.47 4.59 3.22
C LYS A 155 -12.18 3.59 2.31
N LYS A 156 -12.19 3.88 1.00
CA LYS A 156 -12.82 3.00 0.00
C LYS A 156 -12.09 1.68 -0.13
N GLN A 157 -10.76 1.75 -0.11
CA GLN A 157 -9.91 0.51 -0.22
C GLN A 157 -10.06 -0.45 0.96
N TYR A 158 -10.44 0.12 2.11
CA TYR A 158 -10.64 -0.66 3.33
C TYR A 158 -12.04 -1.25 3.43
N GLU A 159 -13.06 -0.48 3.01
CA GLU A 159 -14.41 -0.97 3.14
CA GLU A 159 -14.44 -0.92 3.12
C GLU A 159 -14.93 -1.73 1.92
N GLY A 160 -14.47 -1.39 0.70
CA GLY A 160 -15.27 -1.82 -0.51
C GLY A 160 -14.41 -2.62 -1.45
N GLY A 161 -14.62 -2.44 -2.75
CA GLY A 161 -13.98 -3.34 -3.75
C GLY A 161 -14.33 -4.80 -3.51
N ILE A 162 -13.52 -5.72 -4.06
CA ILE A 162 -13.86 -7.10 -3.92
CA ILE A 162 -13.88 -7.10 -3.97
C ILE A 162 -13.46 -7.70 -2.65
N PHE A 163 -12.40 -7.19 -2.02
CA PHE A 163 -11.91 -7.83 -0.80
C PHE A 163 -12.72 -7.46 0.51
N LYS A 164 -13.38 -6.30 0.56
CA LYS A 164 -14.15 -5.86 1.77
C LYS A 164 -13.37 -6.12 3.05
N ILE A 165 -12.13 -5.65 3.06
CA ILE A 165 -11.12 -6.05 4.04
C ILE A 165 -11.72 -5.80 5.45
N ALA A 166 -12.36 -4.67 5.68
CA ALA A 166 -12.87 -4.37 7.04
C ALA A 166 -13.94 -5.35 7.57
N SER A 167 -14.61 -6.08 6.66
CA SER A 167 -15.48 -7.02 7.11
CA SER A 167 -15.56 -7.14 6.98
C SER A 167 -14.93 -8.31 7.67
N TRP A 168 -13.61 -8.46 7.58
CA TRP A 168 -13.02 -9.67 8.18
C TRP A 168 -11.65 -9.49 8.89
N ALA A 169 -10.97 -8.39 8.67
CA ALA A 169 -9.62 -8.25 9.27
C ALA A 169 -9.79 -7.52 10.60
N ASP A 170 -9.29 -8.12 11.69
CA ASP A 170 -9.30 -7.52 12.99
C ASP A 170 -8.31 -6.37 12.93
N LEU A 171 -7.18 -6.60 12.24
CA LEU A 171 -6.16 -5.59 12.13
C LEU A 171 -5.74 -5.34 10.67
N VAL A 172 -5.31 -4.12 10.36
CA VAL A 172 -4.67 -3.78 9.16
C VAL A 172 -3.52 -2.88 9.52
N ASN A 173 -2.67 -2.57 8.55
CA ASN A 173 -1.58 -1.65 8.81
C ASN A 173 -1.56 -0.54 7.78
N ALA A 174 -0.83 0.50 8.09
CA ALA A 174 -0.74 1.63 7.17
C ALA A 174 0.61 2.24 7.28
N HIS A 175 1.10 2.74 6.14
CA HIS A 175 2.24 3.62 6.14
C HIS A 175 1.82 5.01 6.54
N VAL A 176 2.74 5.72 7.22
CA VAL A 176 2.45 7.06 7.67
C VAL A 176 2.85 8.25 6.76
N VAL A 177 3.52 7.93 5.65
CA VAL A 177 3.97 8.87 4.62
C VAL A 177 2.86 9.82 4.06
N PRO A 178 1.63 9.35 3.91
CA PRO A 178 0.61 10.41 3.52
C PRO A 178 0.21 11.46 4.54
N GLY A 179 0.68 11.36 5.82
CA GLY A 179 0.11 12.22 6.86
C GLY A 179 -1.05 11.55 7.57
N SER A 180 -1.59 12.17 8.66
CA SER A 180 -2.56 11.50 9.44
C SER A 180 -3.90 11.23 8.73
N GLY A 181 -4.13 11.89 7.61
CA GLY A 181 -5.34 11.55 6.79
C GLY A 181 -5.47 10.08 6.47
N VAL A 182 -4.33 9.41 6.33
CA VAL A 182 -4.41 8.00 6.07
C VAL A 182 -5.15 7.29 7.25
N VAL A 183 -4.79 7.64 8.52
CA VAL A 183 -5.43 7.04 9.70
C VAL A 183 -6.93 7.48 9.86
N LYS A 184 -7.15 8.76 9.59
CA LYS A 184 -8.50 9.37 9.67
C LYS A 184 -9.44 8.71 8.69
N GLY A 185 -9.02 8.50 7.43
CA GLY A 185 -9.97 7.74 6.55
C GLY A 185 -10.18 6.29 6.96
N LEU A 186 -9.10 5.59 7.43
CA LEU A 186 -9.33 4.19 7.79
C LEU A 186 -10.30 4.11 8.96
N GLN A 187 -10.15 5.04 9.90
CA GLN A 187 -10.87 5.03 11.22
C GLN A 187 -12.38 5.11 10.96
N GLU A 188 -12.75 5.89 9.94
CA GLU A 188 -14.20 6.06 9.62
C GLU A 188 -14.85 4.75 9.33
N VAL A 189 -14.07 3.83 8.75
CA VAL A 189 -14.63 2.52 8.49
CA VAL A 189 -14.59 2.51 8.47
C VAL A 189 -14.38 1.57 9.68
N GLY A 190 -13.15 1.61 10.24
CA GLY A 190 -12.78 0.58 11.23
C GLY A 190 -13.40 0.74 12.66
N LEU A 191 -13.64 1.96 13.07
CA LEU A 191 -14.26 2.15 14.44
C LEU A 191 -15.64 1.54 14.60
N PRO A 192 -16.58 1.76 13.67
CA PRO A 192 -17.89 1.08 13.80
C PRO A 192 -17.79 -0.43 13.84
N LEU A 193 -16.81 -0.97 13.13
CA LEU A 193 -16.62 -2.41 13.07
C LEU A 193 -15.65 -2.95 14.15
N HIS A 194 -15.27 -2.10 15.12
CA HIS A 194 -14.51 -2.54 16.30
C HIS A 194 -13.13 -3.09 15.88
N ARG A 195 -12.50 -2.42 14.86
CA ARG A 195 -11.25 -2.86 14.21
C ARG A 195 -10.07 -2.04 14.80
N GLY A 196 -8.80 -2.47 14.51
CA GLY A 196 -7.63 -1.74 14.94
C GLY A 196 -6.62 -1.61 13.82
N CYS A 197 -5.67 -0.69 13.93
CA CYS A 197 -4.73 -0.46 12.86
C CYS A 197 -3.33 -0.42 13.45
N LEU A 198 -2.33 -0.83 12.66
CA LEU A 198 -0.91 -0.76 13.15
C LEU A 198 -0.22 0.18 12.21
N LEU A 199 0.60 1.07 12.72
CA LEU A 199 1.31 1.98 11.86
C LEU A 199 2.74 1.51 11.64
N ILE A 200 3.18 1.62 10.41
CA ILE A 200 4.55 1.13 10.04
C ILE A 200 5.59 2.17 10.44
N ALA A 201 6.22 1.93 11.59
CA ALA A 201 7.18 2.88 12.19
C ALA A 201 8.61 2.71 11.62
N GLU A 202 8.95 1.48 11.22
CA GLU A 202 10.25 1.09 10.69
C GLU A 202 10.01 -0.10 9.81
N MET A 203 10.94 -0.33 8.89
CA MET A 203 10.86 -1.50 7.99
CA MET A 203 10.86 -1.49 7.96
C MET A 203 12.10 -2.41 8.11
N SER A 204 11.86 -3.71 7.92
CA SER A 204 12.90 -4.75 8.06
C SER A 204 13.93 -4.69 6.88
N SER A 205 13.50 -4.12 5.74
CA SER A 205 14.19 -4.13 4.45
C SER A 205 15.34 -3.14 4.35
N THR A 206 16.28 -3.47 3.45
CA THR A 206 17.52 -2.72 3.20
C THR A 206 17.18 -1.44 2.46
N GLY A 207 17.71 -0.32 2.92
CA GLY A 207 17.42 0.97 2.28
C GLY A 207 16.19 1.67 2.85
N SER A 208 15.52 1.02 3.79
CA SER A 208 14.36 1.60 4.47
C SER A 208 14.53 3.07 4.81
N LEU A 209 13.56 3.90 4.38
CA LEU A 209 13.53 5.33 4.83
C LEU A 209 12.74 5.57 6.14
N ALA A 210 12.20 4.50 6.71
CA ALA A 210 11.38 4.65 7.89
C ALA A 210 12.25 4.67 9.12
N THR A 211 13.03 5.76 9.26
CA THR A 211 14.02 5.90 10.34
C THR A 211 13.89 7.33 10.93
N GLY A 212 14.58 7.59 12.04
CA GLY A 212 14.73 8.97 12.54
C GLY A 212 13.38 9.69 12.73
N ASP A 213 13.33 10.91 12.22
CA ASP A 213 12.12 11.78 12.26
C ASP A 213 10.81 11.12 11.73
N TYR A 214 10.96 10.36 10.65
CA TYR A 214 9.86 9.56 10.14
C TYR A 214 9.28 8.60 11.20
N THR A 215 10.11 7.80 11.90
CA THR A 215 9.62 6.94 13.01
C THR A 215 8.92 7.76 14.11
N ARG A 216 9.49 8.92 14.43
CA ARG A 216 8.94 9.71 15.47
C ARG A 216 7.55 10.19 15.07
N ALA A 217 7.37 10.52 13.80
CA ALA A 217 6.04 10.99 13.21
C ALA A 217 5.03 9.86 13.30
N ALA A 218 5.47 8.60 13.03
CA ALA A 218 4.55 7.45 13.19
C ALA A 218 4.09 7.32 14.63
N VAL A 219 5.04 7.47 15.58
CA VAL A 219 4.64 7.35 17.00
C VAL A 219 3.61 8.43 17.42
N ARG A 220 3.88 9.68 17.03
CA ARG A 220 3.01 10.82 17.33
C ARG A 220 1.64 10.52 16.72
N MET A 221 1.63 10.12 15.46
CA MET A 221 0.36 9.84 14.77
CA MET A 221 0.36 9.86 14.77
C MET A 221 -0.44 8.81 15.53
N ALA A 222 0.23 7.76 15.99
CA ALA A 222 -0.40 6.74 16.79
C ALA A 222 -1.02 7.30 18.11
N GLU A 223 -0.27 8.16 18.81
CA GLU A 223 -0.82 8.74 20.08
C GLU A 223 -2.03 9.61 19.86
N GLU A 224 -2.08 10.26 18.70
CA GLU A 224 -3.19 11.16 18.37
C GLU A 224 -4.39 10.43 17.82
N HIS A 225 -4.18 9.17 17.45
CA HIS A 225 -5.28 8.35 17.01
C HIS A 225 -5.41 7.04 17.77
N SER A 226 -5.34 7.06 19.12
CA SER A 226 -5.35 5.82 19.88
C SER A 226 -6.68 5.17 20.01
N GLU A 227 -7.78 5.79 19.51
CA GLU A 227 -9.07 5.08 19.58
C GLU A 227 -9.06 4.04 18.48
N PHE A 228 -8.14 4.17 17.52
CA PHE A 228 -8.09 3.20 16.40
C PHE A 228 -6.71 2.49 16.15
N VAL A 229 -5.63 3.23 16.35
CA VAL A 229 -4.27 2.68 16.26
C VAL A 229 -3.90 1.90 17.54
N VAL A 230 -3.60 0.61 17.41
CA VAL A 230 -3.29 -0.22 18.57
C VAL A 230 -1.77 -0.53 18.73
N GLY A 231 -0.93 0.00 17.86
CA GLY A 231 0.55 -0.33 17.85
C GLY A 231 1.22 -0.12 16.54
N PHE A 232 2.39 -0.78 16.40
CA PHE A 232 3.29 -0.49 15.33
C PHE A 232 3.82 -1.75 14.71
N ILE A 233 4.20 -1.64 13.43
CA ILE A 233 5.15 -2.60 12.83
C ILE A 233 6.48 -1.87 13.00
N SER A 234 7.48 -2.54 13.65
CA SER A 234 8.77 -1.87 13.91
C SER A 234 9.84 -2.95 14.23
N GLY A 235 11.09 -2.58 14.27
CA GLY A 235 12.16 -3.60 14.49
C GLY A 235 12.53 -3.69 15.98
N SER A 236 12.00 -2.75 16.77
CA SER A 236 12.20 -2.68 18.22
C SER A 236 11.06 -1.82 18.80
N ARG A 237 10.95 -1.82 20.13
CA ARG A 237 10.06 -0.87 20.83
C ARG A 237 10.31 0.58 20.42
N VAL A 238 9.25 1.29 20.00
CA VAL A 238 9.40 2.65 19.59
C VAL A 238 8.57 3.59 20.48
N SER A 239 7.66 3.04 21.25
CA SER A 239 6.91 3.83 22.28
C SER A 239 7.06 3.17 23.62
N MET A 240 7.28 3.97 24.66
CA MET A 240 7.25 3.47 26.04
C MET A 240 5.84 3.27 26.62
N LYS A 241 4.79 3.62 25.85
CA LYS A 241 3.46 3.40 26.38
C LYS A 241 3.05 1.96 26.25
N PRO A 242 2.70 1.33 27.35
CA PRO A 242 2.48 -0.13 27.28
C PRO A 242 1.16 -0.53 26.64
N GLU A 243 0.28 0.46 26.37
CA GLU A 243 -0.95 0.21 25.66
CA GLU A 243 -0.96 0.17 25.67
C GLU A 243 -0.71 -0.21 24.22
N PHE A 244 0.38 0.25 23.62
CA PHE A 244 0.72 -0.03 22.19
C PHE A 244 1.47 -1.38 21.97
N LEU A 245 1.03 -2.19 21.00
CA LEU A 245 1.69 -3.37 20.63
CA LEU A 245 1.69 -3.42 20.65
C LEU A 245 2.81 -3.15 19.67
N HIS A 246 3.92 -3.93 19.74
CA HIS A 246 4.97 -3.81 18.69
C HIS A 246 5.08 -5.16 18.02
N LEU A 247 5.00 -5.17 16.67
CA LEU A 247 5.09 -6.42 15.92
C LEU A 247 6.30 -6.27 15.00
N THR A 248 7.12 -7.32 14.92
CA THR A 248 8.37 -7.24 14.21
C THR A 248 8.49 -8.33 13.19
N PRO A 249 8.59 -7.96 11.88
CA PRO A 249 8.83 -8.97 10.85
C PRO A 249 10.36 -9.10 10.63
N GLY A 250 10.77 -9.97 9.73
CA GLY A 250 12.22 -10.17 9.47
C GLY A 250 12.80 -11.00 10.64
N VAL A 251 12.15 -12.13 10.96
CA VAL A 251 12.56 -12.92 12.12
C VAL A 251 12.83 -14.33 11.63
N GLN A 252 14.00 -14.79 12.00
CA GLN A 252 14.30 -16.18 11.84
C GLN A 252 15.26 -16.64 12.91
N LEU A 253 15.29 -17.92 13.17
CA LEU A 253 16.25 -18.44 14.18
C LEU A 253 17.73 -18.23 13.81
N GLU A 254 18.02 -18.38 12.51
CA GLU A 254 19.40 -18.18 12.01
C GLU A 254 19.67 -16.77 11.43
N ALA A 255 20.90 -16.28 11.54
CA ALA A 255 21.26 -14.93 11.05
C ALA A 255 21.10 -14.74 9.53
N GLY A 256 21.07 -13.48 9.11
CA GLY A 256 21.12 -13.15 7.71
C GLY A 256 20.07 -12.11 7.36
N GLY A 257 19.27 -12.40 6.33
CA GLY A 257 19.47 -13.52 5.37
C GLY A 257 18.93 -13.12 4.00
N ASP A 258 18.99 -11.82 3.69
CA ASP A 258 18.43 -11.09 2.46
C ASP A 258 17.59 -11.84 1.35
N ASN A 259 17.93 -11.56 0.08
CA ASN A 259 17.37 -12.15 -1.18
C ASN A 259 16.90 -11.04 -2.14
N LEU A 260 15.82 -10.34 -1.79
CA LEU A 260 15.32 -9.13 -2.50
C LEU A 260 15.09 -7.97 -1.50
N GLY A 261 16.04 -7.81 -0.54
CA GLY A 261 16.04 -6.70 0.46
C GLY A 261 15.68 -7.01 1.92
N GLN A 262 15.08 -8.18 2.18
CA GLN A 262 14.67 -8.57 3.56
C GLN A 262 15.91 -8.81 4.48
N GLN A 263 15.81 -8.48 5.77
CA GLN A 263 16.88 -8.78 6.73
C GLN A 263 16.31 -9.46 7.98
N TYR A 264 17.10 -10.36 8.59
CA TYR A 264 16.59 -11.22 9.68
C TYR A 264 17.28 -11.06 11.04
N ASN A 265 16.50 -11.11 12.13
CA ASN A 265 17.03 -11.14 13.51
C ASN A 265 16.29 -12.23 14.23
N SER A 266 16.89 -12.77 15.31
CA SER A 266 16.28 -13.89 16.00
C SER A 266 15.19 -13.42 17.01
N PRO A 267 14.31 -14.33 17.42
CA PRO A 267 13.27 -14.00 18.44
C PRO A 267 13.89 -13.48 19.76
N GLN A 268 15.00 -14.10 20.19
CA GLN A 268 15.64 -13.59 21.43
C GLN A 268 16.09 -12.14 21.31
N GLU A 269 16.73 -11.79 20.20
CA GLU A 269 17.14 -10.44 19.91
C GLU A 269 15.93 -9.48 19.83
N VAL A 270 14.91 -9.83 19.06
CA VAL A 270 13.88 -8.79 18.87
CA VAL A 270 13.79 -8.94 18.78
C VAL A 270 12.92 -8.70 20.03
N ILE A 271 12.56 -9.82 20.63
CA ILE A 271 11.69 -9.87 21.86
C ILE A 271 12.49 -9.53 23.13
N GLY A 272 13.59 -10.24 23.37
CA GLY A 272 14.25 -10.18 24.65
C GLY A 272 15.05 -8.91 24.63
N LYS A 273 15.77 -8.59 23.57
CA LYS A 273 16.70 -7.42 23.68
C LYS A 273 16.08 -6.12 23.20
N ARG A 274 15.34 -6.20 22.11
CA ARG A 274 14.82 -4.96 21.46
C ARG A 274 13.43 -4.59 21.99
N GLY A 275 12.87 -5.43 22.86
CA GLY A 275 11.62 -5.09 23.52
C GLY A 275 10.34 -5.16 22.67
N SER A 276 10.38 -5.86 21.52
CA SER A 276 9.12 -6.04 20.73
C SER A 276 8.19 -7.08 21.39
N ASP A 277 6.90 -7.11 20.98
CA ASP A 277 5.94 -7.98 21.56
C ASP A 277 5.73 -9.22 20.80
N ILE A 278 5.65 -9.11 19.47
CA ILE A 278 5.20 -10.21 18.69
C ILE A 278 6.20 -10.37 17.52
N ILE A 279 6.50 -11.64 17.16
CA ILE A 279 7.36 -11.88 16.00
C ILE A 279 6.43 -12.26 14.82
N ILE A 280 6.76 -11.77 13.64
CA ILE A 280 6.03 -12.24 12.44
C ILE A 280 7.01 -13.11 11.65
N VAL A 281 6.55 -14.32 11.33
CA VAL A 281 7.40 -15.30 10.64
C VAL A 281 6.63 -15.90 9.52
N GLY A 282 7.26 -15.90 8.33
CA GLY A 282 6.61 -16.55 7.18
C GLY A 282 7.45 -17.78 6.81
N ARG A 283 8.40 -17.58 5.88
CA ARG A 283 9.20 -18.69 5.34
C ARG A 283 9.92 -19.58 6.38
N GLY A 284 10.42 -18.98 7.47
CA GLY A 284 10.97 -19.76 8.57
C GLY A 284 10.09 -20.85 9.07
N ILE A 285 8.75 -20.73 8.89
CA ILE A 285 7.90 -21.80 9.21
C ILE A 285 7.40 -22.52 7.96
N ILE A 286 6.95 -21.74 6.99
CA ILE A 286 6.18 -22.32 5.89
C ILE A 286 7.12 -23.20 4.99
N SER A 287 8.39 -22.83 4.88
CA SER A 287 9.30 -23.68 4.06
C SER A 287 9.87 -24.90 4.81
N ALA A 288 9.65 -25.00 6.13
CA ALA A 288 10.17 -26.17 6.87
C ALA A 288 9.46 -27.44 6.48
N ALA A 289 10.13 -28.63 6.60
CA ALA A 289 9.39 -29.86 6.36
C ALA A 289 8.22 -30.03 7.28
N ASP A 290 8.44 -29.78 8.57
CA ASP A 290 7.37 -30.01 9.54
C ASP A 290 6.97 -28.64 10.08
N ARG A 291 5.86 -28.13 9.56
CA ARG A 291 5.45 -26.73 9.89
CA ARG A 291 5.47 -26.73 9.84
C ARG A 291 4.92 -26.69 11.31
N LEU A 292 4.33 -27.77 11.78
CA LEU A 292 3.91 -27.82 13.25
C LEU A 292 5.10 -27.63 14.20
N GLU A 293 6.16 -28.44 14.00
CA GLU A 293 7.37 -28.33 14.87
CA GLU A 293 7.37 -28.31 14.83
C GLU A 293 7.97 -26.97 14.65
N ALA A 294 8.07 -26.49 13.39
CA ALA A 294 8.64 -25.16 13.17
C ALA A 294 7.84 -24.07 13.93
N ALA A 295 6.51 -24.07 13.76
CA ALA A 295 5.65 -23.05 14.49
C ALA A 295 5.95 -23.11 16.04
N GLU A 296 6.00 -24.35 16.55
CA GLU A 296 6.34 -24.60 18.04
C GLU A 296 7.67 -24.03 18.40
N MET A 297 8.68 -24.23 17.58
CA MET A 297 10.00 -23.66 17.94
CA MET A 297 10.04 -23.65 17.88
C MET A 297 10.05 -22.15 17.96
N TYR A 298 9.38 -21.48 17.00
CA TYR A 298 9.30 -20.03 17.03
C TYR A 298 8.44 -19.54 18.21
N ARG A 299 7.37 -20.28 18.48
CA ARG A 299 6.51 -19.85 19.61
C ARG A 299 7.34 -19.93 20.93
N LYS A 300 8.03 -21.07 21.13
CA LYS A 300 8.82 -21.25 22.38
C LYS A 300 9.94 -20.25 22.48
N ALA A 301 10.61 -19.94 21.36
CA ALA A 301 11.68 -18.89 21.32
C ALA A 301 11.14 -17.52 21.71
N ALA A 302 10.00 -17.18 21.09
CA ALA A 302 9.50 -15.81 21.30
C ALA A 302 8.88 -15.69 22.75
N TRP A 303 8.26 -16.77 23.23
CA TRP A 303 7.55 -16.78 24.54
C TRP A 303 8.61 -16.73 25.63
N GLU A 304 9.68 -17.53 25.48
CA GLU A 304 10.72 -17.55 26.49
CA GLU A 304 10.73 -17.56 26.49
C GLU A 304 11.49 -16.26 26.54
N ALA A 305 11.72 -15.64 25.35
CA ALA A 305 12.37 -14.32 25.34
C ALA A 305 11.51 -13.26 26.07
N TYR A 306 10.18 -13.30 25.84
CA TYR A 306 9.24 -12.43 26.56
C TYR A 306 9.33 -12.72 28.08
N LEU A 307 9.29 -13.99 28.45
CA LEU A 307 9.42 -14.27 29.94
C LEU A 307 10.71 -13.72 30.55
N SER A 308 11.81 -13.84 29.80
CA SER A 308 13.07 -13.48 30.40
CA SER A 308 13.12 -13.39 30.29
C SER A 308 13.11 -11.93 30.58
N ARG A 309 12.38 -11.20 29.74
CA ARG A 309 12.30 -9.74 29.82
C ARG A 309 11.54 -9.26 31.08
N LEU A 310 10.58 -10.06 31.52
CA LEU A 310 9.79 -9.82 32.74
C LEU A 310 10.61 -10.15 33.96
N GLY A 311 11.66 -10.98 33.80
CA GLY A 311 12.66 -11.27 34.85
C GLY A 311 12.31 -12.46 35.75
N GLU B 56 13.09 24.33 -22.25
CA GLU B 56 11.93 23.41 -22.14
C GLU B 56 11.68 22.75 -23.50
N LEU B 57 11.81 21.44 -23.57
CA LEU B 57 11.41 20.71 -24.78
C LEU B 57 9.88 20.47 -24.87
N SER B 58 9.29 20.41 -26.07
CA SER B 58 7.88 20.01 -26.19
C SER B 58 7.74 18.53 -25.77
N PHE B 59 6.50 18.08 -25.53
CA PHE B 59 6.25 16.63 -25.38
C PHE B 59 6.75 15.80 -26.61
N GLY B 60 6.48 16.26 -27.83
CA GLY B 60 6.91 15.55 -29.07
C GLY B 60 8.40 15.29 -29.10
N ALA B 61 9.15 16.34 -28.82
CA ALA B 61 10.59 16.25 -28.76
C ALA B 61 11.10 15.41 -27.63
N ARG B 62 10.45 15.50 -26.46
CA ARG B 62 10.88 14.65 -25.38
C ARG B 62 10.66 13.14 -25.76
N ALA B 63 9.64 12.87 -26.56
CA ALA B 63 9.33 11.50 -26.92
C ALA B 63 10.63 10.85 -27.54
N GLU B 64 11.56 11.68 -27.99
CA GLU B 64 12.80 11.23 -28.63
C GLU B 64 14.08 11.33 -27.85
N LEU B 65 14.02 11.85 -26.66
CA LEU B 65 15.21 11.68 -25.86
C LEU B 65 15.70 10.18 -26.07
N PRO B 66 17.01 9.97 -25.91
CA PRO B 66 17.60 8.67 -26.33
C PRO B 66 17.45 7.70 -25.17
N ARG B 67 17.78 8.24 -24.02
CA ARG B 67 17.53 7.67 -22.76
C ARG B 67 15.99 7.37 -22.46
N ILE B 68 15.05 7.65 -23.38
CA ILE B 68 13.59 7.63 -23.07
C ILE B 68 12.95 6.23 -23.08
N HIS B 69 12.33 5.85 -21.97
CA HIS B 69 11.54 4.61 -22.01
C HIS B 69 10.48 4.59 -23.11
N PRO B 70 10.27 3.43 -23.82
CA PRO B 70 9.26 3.30 -24.88
C PRO B 70 7.81 3.60 -24.43
N VAL B 71 7.52 3.26 -23.17
CA VAL B 71 6.21 3.60 -22.56
C VAL B 71 6.04 5.13 -22.43
N ALA B 72 7.07 5.78 -21.88
CA ALA B 72 7.11 7.27 -21.83
C ALA B 72 7.02 7.87 -23.23
N SER B 73 7.73 7.25 -24.20
CA SER B 73 7.65 7.72 -25.57
C SER B 73 6.27 7.64 -26.16
N LYS B 74 5.59 6.49 -26.01
CA LYS B 74 4.23 6.27 -26.49
C LYS B 74 3.28 7.32 -25.90
N LEU B 75 3.48 7.57 -24.62
CA LEU B 75 2.64 8.53 -23.88
C LEU B 75 2.84 9.98 -24.36
N LEU B 76 4.09 10.40 -24.40
CA LEU B 76 4.44 11.72 -24.93
C LEU B 76 3.96 12.00 -26.32
N ARG B 77 4.09 11.02 -27.24
CA ARG B 77 3.55 11.17 -28.62
C ARG B 77 2.05 11.33 -28.63
N LEU B 78 1.34 10.53 -27.80
CA LEU B 78 -0.11 10.67 -27.81
C LEU B 78 -0.58 11.95 -27.09
N MET B 79 0.18 12.43 -26.09
CA MET B 79 -0.14 13.75 -25.51
C MET B 79 0.01 14.84 -26.60
N GLN B 80 1.17 14.79 -27.32
CA GLN B 80 1.39 15.74 -28.42
C GLN B 80 0.26 15.73 -29.37
N LYS B 81 -0.07 14.54 -29.88
CA LYS B 81 -1.04 14.36 -30.92
C LYS B 81 -2.45 14.79 -30.53
N LYS B 82 -2.81 14.52 -29.28
CA LYS B 82 -4.17 14.72 -28.87
C LYS B 82 -4.37 16.05 -28.19
N GLU B 83 -3.29 16.78 -27.99
CA GLU B 83 -3.21 18.01 -27.11
C GLU B 83 -3.89 17.78 -25.74
N THR B 84 -3.41 16.78 -25.03
CA THR B 84 -3.90 16.54 -23.64
C THR B 84 -2.76 16.09 -22.77
N ASN B 85 -2.62 16.74 -21.60
CA ASN B 85 -1.73 16.35 -20.54
C ASN B 85 -2.62 16.15 -19.21
N LEU B 86 -3.80 15.62 -19.44
CA LEU B 86 -4.78 15.32 -18.37
C LEU B 86 -4.90 13.77 -18.17
N CYS B 87 -4.69 13.37 -16.93
CA CYS B 87 -4.95 11.98 -16.52
C CYS B 87 -6.27 11.96 -15.71
N LEU B 88 -7.28 11.27 -16.21
CA LEU B 88 -8.54 11.10 -15.42
C LEU B 88 -8.32 10.05 -14.23
N SER B 89 -8.63 10.44 -12.99
CA SER B 89 -8.59 9.51 -11.88
C SER B 89 -9.99 8.96 -11.77
N ALA B 90 -10.21 7.77 -12.33
CA ALA B 90 -11.54 7.23 -12.49
C ALA B 90 -11.99 6.50 -11.22
N ASP B 91 -12.30 7.31 -10.19
CA ASP B 91 -12.50 6.78 -8.81
C ASP B 91 -13.94 6.44 -8.60
N VAL B 92 -14.40 5.39 -9.26
CA VAL B 92 -15.81 5.01 -9.26
C VAL B 92 -15.83 3.55 -8.81
N SER B 93 -16.99 3.05 -8.35
CA SER B 93 -17.01 1.69 -7.80
C SER B 93 -17.70 0.70 -8.73
N LEU B 94 -18.37 1.18 -9.79
CA LEU B 94 -19.05 0.22 -10.71
C LEU B 94 -18.34 0.20 -12.07
N ALA B 95 -18.12 -1.03 -12.59
CA ALA B 95 -17.50 -1.28 -13.91
C ALA B 95 -18.21 -0.44 -15.01
N ARG B 96 -19.53 -0.40 -14.94
CA ARG B 96 -20.30 0.26 -16.02
C ARG B 96 -19.94 1.74 -16.08
N GLU B 97 -19.81 2.34 -14.90
CA GLU B 97 -19.44 3.73 -14.87
C GLU B 97 -17.97 3.96 -15.31
N LEU B 98 -17.05 3.11 -14.83
CA LEU B 98 -15.65 3.21 -15.21
C LEU B 98 -15.53 3.15 -16.75
N LEU B 99 -16.27 2.24 -17.36
CA LEU B 99 -16.08 2.02 -18.80
C LEU B 99 -16.79 3.11 -19.62
N GLN B 100 -17.95 3.58 -19.14
CA GLN B 100 -18.60 4.72 -19.77
C GLN B 100 -17.74 5.97 -19.65
N LEU B 101 -17.08 6.24 -18.51
CA LEU B 101 -16.20 7.39 -18.46
C LEU B 101 -14.97 7.19 -19.41
N ALA B 102 -14.36 6.01 -19.37
CA ALA B 102 -13.20 5.68 -20.25
C ALA B 102 -13.54 5.96 -21.79
N ASP B 103 -14.75 5.58 -22.19
CA ASP B 103 -15.18 5.77 -23.56
C ASP B 103 -15.49 7.23 -23.86
N ALA B 104 -16.30 7.90 -23.02
CA ALA B 104 -16.68 9.30 -23.25
C ALA B 104 -15.53 10.22 -23.15
N LEU B 105 -14.63 10.00 -22.18
CA LEU B 105 -13.57 10.94 -21.97
C LEU B 105 -12.26 10.51 -22.64
N GLY B 106 -12.24 9.31 -23.25
CA GLY B 106 -11.01 8.75 -23.91
C GLY B 106 -10.31 9.78 -24.80
N PRO B 107 -11.09 10.46 -25.68
CA PRO B 107 -10.49 11.51 -26.57
C PRO B 107 -9.83 12.70 -25.82
N SER B 108 -10.31 13.02 -24.57
CA SER B 108 -9.75 14.13 -23.81
C SER B 108 -8.55 13.89 -22.95
N ILE B 109 -8.18 12.63 -22.76
CA ILE B 109 -7.12 12.31 -21.76
C ILE B 109 -5.94 11.57 -22.40
N CYS B 110 -4.82 11.70 -21.76
CA CYS B 110 -3.64 10.92 -22.08
C CYS B 110 -3.50 9.65 -21.23
N MET B 111 -4.26 9.54 -20.14
CA MET B 111 -4.06 8.45 -19.22
C MET B 111 -5.34 8.31 -18.40
N LEU B 112 -5.67 7.06 -18.07
CA LEU B 112 -6.76 6.79 -17.13
C LEU B 112 -6.15 6.10 -15.95
N LYS B 113 -6.40 6.64 -14.74
CA LYS B 113 -5.80 6.12 -13.54
C LYS B 113 -6.89 5.37 -12.78
N THR B 114 -6.58 4.11 -12.38
CA THR B 114 -7.56 3.20 -11.72
C THR B 114 -7.15 2.95 -10.29
N HIS B 115 -8.16 2.66 -9.45
CA HIS B 115 -7.95 1.94 -8.19
C HIS B 115 -8.76 0.67 -8.33
N VAL B 116 -8.16 -0.36 -8.95
CA VAL B 116 -8.84 -1.62 -9.13
CA VAL B 116 -8.99 -1.55 -9.14
C VAL B 116 -9.42 -2.20 -7.83
N ASP B 117 -8.80 -1.88 -6.70
CA ASP B 117 -9.27 -2.48 -5.48
C ASP B 117 -10.52 -1.77 -4.86
N ILE B 118 -11.05 -0.73 -5.53
CA ILE B 118 -12.29 -0.13 -5.12
C ILE B 118 -13.45 -0.51 -6.02
N LEU B 119 -13.16 -1.26 -7.09
CA LEU B 119 -14.15 -1.62 -8.09
C LEU B 119 -15.00 -2.84 -7.62
N ASN B 120 -16.27 -2.61 -7.29
CA ASN B 120 -17.09 -3.62 -6.53
C ASN B 120 -17.36 -4.83 -7.41
N ASP B 121 -17.36 -4.60 -8.71
CA ASP B 121 -17.68 -5.69 -9.66
C ASP B 121 -16.49 -5.92 -10.65
N PHE B 122 -15.27 -5.71 -10.14
CA PHE B 122 -14.06 -6.12 -10.89
C PHE B 122 -14.13 -7.55 -11.49
N THR B 123 -13.78 -7.71 -12.78
CA THR B 123 -13.37 -9.01 -13.34
C THR B 123 -12.32 -8.67 -14.37
N LEU B 124 -11.56 -9.67 -14.79
CA LEU B 124 -10.56 -9.42 -15.84
C LEU B 124 -11.24 -9.02 -17.13
N ASP B 125 -12.47 -9.46 -17.34
CA ASP B 125 -13.22 -9.04 -18.52
C ASP B 125 -13.51 -7.56 -18.55
N VAL B 126 -13.70 -6.96 -17.35
CA VAL B 126 -13.83 -5.53 -17.29
C VAL B 126 -12.52 -4.90 -17.73
N MET B 127 -11.37 -5.46 -17.31
N MET B 127 -11.36 -5.45 -17.30
CA MET B 127 -10.10 -4.84 -17.68
CA MET B 127 -10.10 -4.84 -17.70
C MET B 127 -9.81 -5.02 -19.19
C MET B 127 -9.90 -4.97 -19.22
N LYS B 128 -10.31 -6.11 -19.76
CA LYS B 128 -10.17 -6.36 -21.21
C LYS B 128 -10.89 -5.27 -22.03
N GLU B 129 -12.14 -4.98 -21.65
CA GLU B 129 -12.90 -3.85 -22.19
C GLU B 129 -12.18 -2.50 -21.99
N LEU B 130 -11.57 -2.29 -20.82
CA LEU B 130 -10.80 -1.05 -20.60
C LEU B 130 -9.58 -0.93 -21.55
N ILE B 131 -8.91 -2.07 -21.77
CA ILE B 131 -7.78 -2.10 -22.73
C ILE B 131 -8.24 -1.73 -24.13
N THR B 132 -9.38 -2.25 -24.52
CA THR B 132 -9.90 -1.93 -25.83
C THR B 132 -10.17 -0.43 -26.01
N LEU B 133 -10.73 0.21 -24.99
CA LEU B 133 -10.99 1.65 -25.06
C LEU B 133 -9.70 2.40 -24.98
N ALA B 134 -8.71 1.90 -24.23
CA ALA B 134 -7.38 2.56 -24.15
C ALA B 134 -6.75 2.51 -25.56
N LYS B 135 -6.90 1.38 -26.23
CA LYS B 135 -6.34 1.29 -27.62
C LYS B 135 -7.14 2.10 -28.66
N CYS B 136 -8.45 2.03 -28.63
CA CYS B 136 -9.28 2.76 -29.59
C CYS B 136 -9.03 4.30 -29.42
N HIS B 137 -8.93 4.78 -28.16
CA HIS B 137 -8.99 6.25 -27.92
C HIS B 137 -7.62 6.78 -27.73
N GLU B 138 -6.66 5.85 -27.56
CA GLU B 138 -5.26 6.12 -27.31
C GLU B 138 -4.99 6.81 -25.96
N PHE B 139 -5.04 6.04 -24.87
CA PHE B 139 -4.51 6.57 -23.60
C PHE B 139 -3.87 5.40 -22.86
N LEU B 140 -2.97 5.69 -21.96
CA LEU B 140 -2.32 4.60 -21.16
C LEU B 140 -3.22 4.36 -19.90
N ILE B 141 -3.17 3.13 -19.38
CA ILE B 141 -3.83 2.72 -18.11
C ILE B 141 -2.79 2.73 -17.02
N PHE B 142 -3.09 3.43 -15.92
CA PHE B 142 -2.13 3.58 -14.81
C PHE B 142 -2.88 3.09 -13.58
N GLU B 143 -2.45 1.94 -13.01
CA GLU B 143 -3.04 1.45 -11.77
C GLU B 143 -2.32 2.00 -10.59
N ASP B 144 -3.11 2.73 -9.76
CA ASP B 144 -2.50 3.53 -8.69
C ASP B 144 -2.45 2.74 -7.42
N ARG B 145 -1.62 1.66 -7.45
CA ARG B 145 -1.61 0.64 -6.44
C ARG B 145 -0.69 1.00 -5.24
N LYS B 146 0.22 1.94 -5.47
CA LYS B 146 1.19 2.40 -4.50
C LYS B 146 1.79 1.18 -3.80
N PHE B 147 2.44 0.36 -4.59
CA PHE B 147 3.19 -0.76 -4.01
C PHE B 147 4.15 -0.22 -2.93
N ALA B 148 4.27 -0.91 -1.81
CA ALA B 148 5.00 -0.35 -0.65
C ALA B 148 5.54 -1.44 0.29
N ASP B 149 5.84 -2.59 -0.31
CA ASP B 149 6.20 -3.75 0.49
C ASP B 149 7.61 -4.17 0.10
N ILE B 150 8.12 -5.18 0.81
CA ILE B 150 9.40 -5.79 0.42
C ILE B 150 9.30 -6.36 -1.00
N GLY B 151 10.46 -6.47 -1.67
CA GLY B 151 10.54 -7.07 -2.99
C GLY B 151 9.80 -8.35 -3.32
N ASN B 152 10.03 -9.45 -2.57
CA ASN B 152 9.32 -10.74 -2.89
C ASN B 152 7.80 -10.57 -2.82
N THR B 153 7.35 -9.64 -1.96
CA THR B 153 5.88 -9.48 -1.80
C THR B 153 5.28 -8.73 -3.05
N VAL B 154 5.85 -7.56 -3.35
CA VAL B 154 5.25 -6.73 -4.37
C VAL B 154 5.25 -7.43 -5.72
N LYS B 155 6.20 -8.37 -5.97
CA LYS B 155 6.17 -9.00 -7.27
C LYS B 155 4.90 -9.82 -7.43
N LYS B 156 4.43 -10.49 -6.35
CA LYS B 156 3.22 -11.29 -6.46
C LYS B 156 2.02 -10.35 -6.51
N GLN B 157 2.12 -9.22 -5.82
CA GLN B 157 0.97 -8.23 -5.78
C GLN B 157 0.75 -7.64 -7.14
N TYR B 158 1.85 -7.56 -7.92
CA TYR B 158 1.83 -6.97 -9.23
C TYR B 158 1.42 -7.99 -10.27
N GLU B 159 1.97 -9.21 -10.20
CA GLU B 159 1.66 -10.22 -11.25
C GLU B 159 0.40 -11.01 -11.01
N GLY B 160 0.11 -11.27 -9.75
CA GLY B 160 -0.80 -12.41 -9.46
C GLY B 160 -2.05 -12.00 -8.72
N GLY B 161 -2.48 -12.83 -7.79
CA GLY B 161 -3.79 -12.62 -7.08
C GLY B 161 -4.96 -12.58 -8.06
N ILE B 162 -6.11 -12.05 -7.63
CA ILE B 162 -7.27 -11.84 -8.46
CA ILE B 162 -7.28 -11.89 -8.51
C ILE B 162 -7.08 -10.77 -9.56
N PHE B 163 -6.29 -9.72 -9.25
CA PHE B 163 -6.28 -8.53 -10.13
C PHE B 163 -5.29 -8.65 -11.36
N LYS B 164 -4.21 -9.44 -11.22
CA LYS B 164 -3.19 -9.59 -12.28
C LYS B 164 -2.91 -8.22 -12.91
N ILE B 165 -2.46 -7.29 -12.05
CA ILE B 165 -2.31 -5.91 -12.48
C ILE B 165 -1.39 -5.78 -13.72
N ALA B 166 -0.28 -6.50 -13.69
CA ALA B 166 0.70 -6.32 -14.77
C ALA B 166 0.13 -6.72 -16.10
N SER B 167 -0.87 -7.60 -16.12
CA SER B 167 -1.44 -8.00 -17.40
C SER B 167 -2.20 -6.91 -18.14
N TRP B 168 -2.64 -5.86 -17.45
CA TRP B 168 -3.40 -4.81 -18.09
C TRP B 168 -2.94 -3.36 -17.90
N ALA B 169 -2.12 -3.13 -16.92
CA ALA B 169 -1.74 -1.75 -16.54
C ALA B 169 -0.41 -1.43 -17.23
N ASP B 170 -0.45 -0.42 -18.09
CA ASP B 170 0.73 0.15 -18.68
C ASP B 170 1.69 0.63 -17.65
N LEU B 171 1.16 1.31 -16.59
CA LEU B 171 1.99 1.98 -15.58
C LEU B 171 1.44 1.56 -14.19
N VAL B 172 2.33 1.49 -13.20
CA VAL B 172 1.94 1.35 -11.77
C VAL B 172 2.86 2.30 -11.03
N ASN B 173 2.63 2.48 -9.74
CA ASN B 173 3.52 3.37 -9.03
C ASN B 173 3.94 2.66 -7.76
N ALA B 174 4.94 3.20 -7.04
CA ALA B 174 5.42 2.59 -5.79
C ALA B 174 5.92 3.67 -4.88
N HIS B 175 5.77 3.45 -3.59
CA HIS B 175 6.39 4.28 -2.56
C HIS B 175 7.84 3.87 -2.52
N VAL B 176 8.67 4.80 -2.12
CA VAL B 176 10.07 4.50 -1.89
C VAL B 176 10.51 4.21 -0.44
N VAL B 177 9.61 4.32 0.58
CA VAL B 177 9.94 4.08 2.02
C VAL B 177 10.63 2.68 2.29
N PRO B 178 10.30 1.62 1.49
CA PRO B 178 10.94 0.33 1.83
C PRO B 178 12.40 0.23 1.29
N GLY B 179 12.86 1.22 0.51
CA GLY B 179 14.14 1.11 -0.23
C GLY B 179 13.96 0.49 -1.58
N SER B 180 15.06 0.39 -2.36
CA SER B 180 14.98 0.00 -3.77
C SER B 180 14.45 -1.41 -4.05
N GLY B 181 14.44 -2.24 -3.01
CA GLY B 181 13.79 -3.57 -3.07
C GLY B 181 12.38 -3.51 -3.69
N VAL B 182 11.64 -2.44 -3.45
CA VAL B 182 10.28 -2.37 -4.03
C VAL B 182 10.32 -2.31 -5.55
N VAL B 183 11.21 -1.47 -6.07
CA VAL B 183 11.38 -1.35 -7.51
C VAL B 183 11.95 -2.63 -8.13
N LYS B 184 12.91 -3.20 -7.43
CA LYS B 184 13.55 -4.42 -7.93
C LYS B 184 12.55 -5.55 -8.11
N GLY B 185 11.68 -5.76 -7.10
CA GLY B 185 10.55 -6.73 -7.29
C GLY B 185 9.61 -6.45 -8.42
N LEU B 186 9.17 -5.19 -8.57
CA LEU B 186 8.25 -4.92 -9.66
C LEU B 186 8.90 -5.08 -11.02
N GLN B 187 10.13 -4.60 -11.10
CA GLN B 187 10.90 -4.53 -12.38
C GLN B 187 11.08 -5.97 -12.98
N GLU B 188 11.18 -6.96 -12.08
CA GLU B 188 11.38 -8.36 -12.51
C GLU B 188 10.19 -8.87 -13.28
N VAL B 189 9.03 -8.30 -12.96
CA VAL B 189 7.78 -8.61 -13.65
C VAL B 189 7.58 -7.66 -14.81
N GLY B 190 7.81 -6.38 -14.54
CA GLY B 190 7.44 -5.37 -15.50
C GLY B 190 8.31 -5.26 -16.74
N LEU B 191 9.61 -5.49 -16.59
CA LEU B 191 10.53 -5.36 -17.77
C LEU B 191 10.18 -6.29 -18.93
N PRO B 192 10.02 -7.61 -18.69
CA PRO B 192 9.59 -8.48 -19.82
C PRO B 192 8.28 -8.10 -20.44
N LEU B 193 7.38 -7.54 -19.63
CA LEU B 193 6.11 -7.13 -20.18
C LEU B 193 6.13 -5.72 -20.73
N HIS B 194 7.31 -5.05 -20.76
CA HIS B 194 7.48 -3.72 -21.33
C HIS B 194 6.53 -2.68 -20.66
N ARG B 195 6.42 -2.77 -19.34
CA ARG B 195 5.63 -1.85 -18.47
C ARG B 195 6.54 -0.78 -17.88
N GLY B 196 5.96 0.26 -17.28
CA GLY B 196 6.77 1.26 -16.65
C GLY B 196 6.22 1.54 -15.27
N CYS B 197 7.05 2.23 -14.47
CA CYS B 197 6.73 2.51 -13.11
C CYS B 197 6.97 3.98 -12.79
N LEU B 198 6.08 4.52 -11.94
CA LEU B 198 6.29 5.87 -11.29
C LEU B 198 6.64 5.77 -9.85
N LEU B 199 7.62 6.58 -9.41
CA LEU B 199 7.93 6.61 -8.01
C LEU B 199 7.29 7.80 -7.32
N ILE B 200 6.86 7.60 -6.09
CA ILE B 200 6.09 8.62 -5.38
C ILE B 200 7.12 9.41 -4.61
N ALA B 201 7.44 10.59 -5.16
CA ALA B 201 8.48 11.50 -4.63
C ALA B 201 7.91 12.53 -3.65
N GLU B 202 6.66 12.94 -3.91
CA GLU B 202 5.94 13.81 -3.02
C GLU B 202 4.50 13.36 -2.95
N MET B 203 3.83 13.79 -1.89
CA MET B 203 2.35 13.55 -1.85
C MET B 203 1.59 14.87 -1.70
N SER B 204 0.34 14.84 -2.17
CA SER B 204 -0.50 16.05 -2.08
C SER B 204 -1.23 16.30 -0.72
N SER B 205 -1.23 15.34 0.23
CA SER B 205 -2.08 15.37 1.41
C SER B 205 -1.40 16.12 2.61
N THR B 206 -2.18 16.71 3.52
CA THR B 206 -1.63 17.42 4.67
C THR B 206 -0.80 16.47 5.57
N GLY B 207 0.40 16.91 5.95
CA GLY B 207 1.15 16.06 6.86
C GLY B 207 2.03 15.09 6.10
N SER B 208 2.04 15.16 4.76
CA SER B 208 2.90 14.26 3.97
C SER B 208 4.32 14.28 4.52
N LEU B 209 4.91 13.10 4.67
CA LEU B 209 6.28 12.98 5.11
C LEU B 209 7.19 12.84 3.90
N ALA B 210 6.61 12.85 2.68
CA ALA B 210 7.44 12.74 1.45
C ALA B 210 8.05 14.10 1.07
N THR B 211 9.00 14.57 1.87
CA THR B 211 9.58 15.91 1.63
C THR B 211 11.09 15.81 1.80
N GLY B 212 11.83 16.79 1.27
CA GLY B 212 13.28 16.89 1.57
C GLY B 212 14.05 15.63 1.17
N ASP B 213 14.73 15.05 2.14
CA ASP B 213 15.66 13.91 1.94
C ASP B 213 14.95 12.70 1.36
N TYR B 214 13.72 12.52 1.80
CA TYR B 214 12.82 11.48 1.25
C TYR B 214 12.64 11.63 -0.28
N THR B 215 12.29 12.84 -0.71
CA THR B 215 12.08 13.14 -2.09
C THR B 215 13.37 12.95 -2.84
N ARG B 216 14.50 13.38 -2.24
CA ARG B 216 15.75 13.21 -2.94
C ARG B 216 16.12 11.71 -3.10
N ALA B 217 15.88 10.93 -2.06
CA ALA B 217 15.97 9.45 -2.11
C ALA B 217 15.14 8.83 -3.24
N ALA B 218 13.92 9.34 -3.44
CA ALA B 218 13.12 8.92 -4.58
C ALA B 218 13.68 9.20 -5.98
N VAL B 219 14.22 10.42 -6.18
CA VAL B 219 14.83 10.78 -7.43
C VAL B 219 16.06 9.86 -7.80
N ARG B 220 16.90 9.63 -6.80
CA ARG B 220 18.13 8.83 -6.93
C ARG B 220 17.74 7.38 -7.25
N MET B 221 16.69 6.86 -6.61
CA MET B 221 16.18 5.53 -6.92
C MET B 221 15.66 5.44 -8.34
N ALA B 222 15.02 6.50 -8.84
CA ALA B 222 14.55 6.51 -10.20
C ALA B 222 15.73 6.50 -11.19
N GLU B 223 16.72 7.31 -10.88
CA GLU B 223 17.98 7.32 -11.66
C GLU B 223 18.59 5.92 -11.73
N GLU B 224 18.71 5.26 -10.59
CA GLU B 224 19.32 3.94 -10.58
C GLU B 224 18.48 2.82 -11.20
N HIS B 225 17.19 3.05 -11.50
CA HIS B 225 16.31 2.00 -12.08
C HIS B 225 15.56 2.55 -13.27
N SER B 226 16.28 3.38 -14.06
CA SER B 226 15.68 4.08 -15.17
C SER B 226 15.21 3.19 -16.31
N GLU B 227 15.58 1.91 -16.36
CA GLU B 227 15.01 1.19 -17.47
CA GLU B 227 15.06 1.11 -17.43
C GLU B 227 13.57 0.80 -17.19
N PHE B 228 13.18 0.90 -15.92
CA PHE B 228 11.78 0.55 -15.52
C PHE B 228 10.97 1.81 -15.06
N VAL B 229 11.63 2.68 -14.30
CA VAL B 229 11.01 3.95 -13.75
C VAL B 229 10.93 5.03 -14.82
N VAL B 230 9.71 5.50 -15.17
CA VAL B 230 9.45 6.45 -16.25
C VAL B 230 9.21 7.88 -15.70
N GLY B 231 9.23 8.02 -14.38
CA GLY B 231 9.14 9.33 -13.70
C GLY B 231 8.46 9.23 -12.32
N PHE B 232 7.72 10.30 -11.97
CA PHE B 232 7.36 10.53 -10.58
C PHE B 232 5.89 10.90 -10.39
N ILE B 233 5.31 10.51 -9.26
CA ILE B 233 4.15 11.27 -8.74
C ILE B 233 4.77 12.32 -7.81
N SER B 234 4.49 13.63 -8.04
CA SER B 234 5.06 14.68 -7.17
C SER B 234 4.21 15.95 -7.30
N GLY B 235 4.42 16.95 -6.44
CA GLY B 235 3.68 18.26 -6.57
C GLY B 235 4.33 19.23 -7.58
N SER B 236 5.55 18.93 -8.04
CA SER B 236 6.41 19.84 -8.85
CA SER B 236 6.30 19.77 -8.96
C SER B 236 7.42 18.96 -9.63
N ARG B 237 8.20 19.63 -10.49
CA ARG B 237 9.41 19.07 -11.12
C ARG B 237 10.35 18.72 -9.95
N VAL B 238 10.81 17.46 -9.87
CA VAL B 238 11.73 17.04 -8.82
C VAL B 238 13.08 16.62 -9.45
N SER B 239 13.04 16.32 -10.73
CA SER B 239 14.25 16.00 -11.50
C SER B 239 14.35 16.91 -12.67
N MET B 240 15.58 17.39 -12.93
CA MET B 240 15.92 18.16 -14.11
C MET B 240 16.00 17.36 -15.42
N LYS B 241 16.05 16.04 -15.35
CA LYS B 241 16.08 15.23 -16.57
C LYS B 241 14.74 15.17 -17.33
N PRO B 242 14.80 15.49 -18.61
CA PRO B 242 13.56 15.62 -19.41
C PRO B 242 13.04 14.27 -19.85
N GLU B 243 13.82 13.22 -19.57
CA GLU B 243 13.35 11.88 -19.88
C GLU B 243 12.26 11.44 -18.90
N PHE B 244 12.33 11.94 -17.68
CA PHE B 244 11.36 11.59 -16.61
C PHE B 244 10.04 12.39 -16.72
N LEU B 245 8.92 11.72 -16.49
CA LEU B 245 7.62 12.39 -16.53
C LEU B 245 7.30 12.75 -15.10
N HIS B 246 6.55 13.86 -14.89
CA HIS B 246 6.09 14.22 -13.56
C HIS B 246 4.56 14.29 -13.66
N LEU B 247 3.88 13.50 -12.87
CA LEU B 247 2.40 13.50 -12.82
C LEU B 247 1.96 14.01 -11.44
N THR B 248 0.99 14.95 -11.41
CA THR B 248 0.65 15.62 -10.18
C THR B 248 -0.85 15.50 -9.85
N PRO B 249 -1.18 14.79 -8.75
CA PRO B 249 -2.54 14.68 -8.21
C PRO B 249 -2.76 15.86 -7.25
N GLY B 250 -3.98 16.02 -6.72
CA GLY B 250 -4.21 17.18 -5.77
C GLY B 250 -4.44 18.43 -6.65
N VAL B 251 -5.27 18.25 -7.67
CA VAL B 251 -5.49 19.31 -8.66
C VAL B 251 -6.98 19.58 -8.81
N GLN B 252 -7.35 20.84 -8.66
CA GLN B 252 -8.72 21.28 -9.05
C GLN B 252 -8.61 22.74 -9.52
N LEU B 253 -9.58 23.20 -10.29
CA LEU B 253 -9.57 24.60 -10.77
C LEU B 253 -9.68 25.56 -9.56
N GLU B 254 -10.46 25.12 -8.55
CA GLU B 254 -10.73 25.93 -7.30
C GLU B 254 -9.72 25.53 -6.21
N ALA B 255 -9.14 26.53 -5.54
CA ALA B 255 -8.30 26.32 -4.32
C ALA B 255 -9.10 25.61 -3.21
N GLY B 256 -8.46 24.71 -2.45
CA GLY B 256 -9.24 24.00 -1.44
C GLY B 256 -8.61 22.67 -1.04
N GLY B 257 -9.47 21.80 -0.49
CA GLY B 257 -9.06 20.47 0.03
C GLY B 257 -10.29 19.67 0.28
N ASP B 258 -10.18 18.42 0.73
CA ASP B 258 -11.36 17.66 1.14
C ASP B 258 -11.34 17.61 2.68
N ASN B 259 -12.15 16.74 3.30
CA ASN B 259 -12.26 16.66 4.76
C ASN B 259 -11.37 15.57 5.34
N LEU B 260 -10.55 14.96 4.47
CA LEU B 260 -9.56 13.96 4.89
C LEU B 260 -8.13 14.25 4.35
N GLY B 261 -7.71 15.51 4.34
CA GLY B 261 -6.30 15.83 4.18
C GLY B 261 -5.83 16.04 2.74
N GLN B 262 -6.69 15.78 1.74
CA GLN B 262 -6.34 16.20 0.36
C GLN B 262 -6.20 17.73 0.26
N GLN B 263 -5.17 18.19 -0.46
CA GLN B 263 -4.99 19.61 -0.83
C GLN B 263 -5.01 19.74 -2.34
N TYR B 264 -5.69 20.79 -2.84
CA TYR B 264 -5.82 21.06 -4.30
C TYR B 264 -5.07 22.31 -4.72
N ASN B 265 -4.37 22.25 -5.84
CA ASN B 265 -3.80 23.43 -6.51
C ASN B 265 -4.28 23.44 -7.94
N SER B 266 -4.21 24.59 -8.61
CA SER B 266 -4.82 24.75 -9.95
C SER B 266 -3.95 24.09 -11.04
N PRO B 267 -4.55 23.78 -12.18
CA PRO B 267 -3.68 23.39 -13.32
C PRO B 267 -2.59 24.40 -13.66
N GLN B 268 -2.94 25.69 -13.58
CA GLN B 268 -1.99 26.67 -14.03
C GLN B 268 -0.83 26.68 -13.02
N GLU B 269 -1.15 26.49 -11.73
CA GLU B 269 -0.12 26.52 -10.68
C GLU B 269 0.80 25.29 -10.88
N VAL B 270 0.20 24.13 -11.05
CA VAL B 270 1.06 22.94 -11.04
C VAL B 270 1.79 22.71 -12.38
N ILE B 271 1.13 22.91 -13.52
CA ILE B 271 1.81 22.80 -14.82
C ILE B 271 2.61 24.06 -15.18
N GLY B 272 1.99 25.25 -15.03
CA GLY B 272 2.64 26.52 -15.41
C GLY B 272 3.76 26.91 -14.43
N LYS B 273 3.48 27.02 -13.15
CA LYS B 273 4.51 27.48 -12.22
C LYS B 273 5.37 26.43 -11.58
N ARG B 274 4.84 25.21 -11.41
CA ARG B 274 5.62 24.18 -10.71
C ARG B 274 6.26 23.25 -11.72
N GLY B 275 5.89 23.38 -13.00
CA GLY B 275 6.52 22.68 -14.13
C GLY B 275 6.34 21.15 -14.10
N SER B 276 5.19 20.71 -13.59
CA SER B 276 4.88 19.30 -13.72
C SER B 276 4.40 19.03 -15.12
N ASP B 277 4.26 17.77 -15.53
CA ASP B 277 3.79 17.46 -16.88
C ASP B 277 2.33 17.17 -17.07
N ILE B 278 1.76 16.42 -16.12
CA ILE B 278 0.44 15.83 -16.32
C ILE B 278 -0.31 16.16 -15.06
N ILE B 279 -1.55 16.65 -15.22
CA ILE B 279 -2.44 16.70 -14.04
C ILE B 279 -3.30 15.43 -13.87
N ILE B 280 -3.37 14.95 -12.61
CA ILE B 280 -4.27 13.83 -12.26
C ILE B 280 -5.51 14.46 -11.54
N VAL B 281 -6.72 14.18 -12.02
CA VAL B 281 -7.90 14.87 -11.51
C VAL B 281 -8.99 13.85 -11.34
N GLY B 282 -9.47 13.69 -10.08
CA GLY B 282 -10.55 12.78 -9.79
C GLY B 282 -11.84 13.60 -9.62
N ARG B 283 -12.13 13.94 -8.37
CA ARG B 283 -13.41 14.58 -8.05
C ARG B 283 -13.75 15.83 -8.89
N GLY B 284 -12.71 16.63 -9.22
CA GLY B 284 -12.85 17.83 -10.07
C GLY B 284 -13.64 17.50 -11.33
N ILE B 285 -13.51 16.28 -11.81
CA ILE B 285 -14.24 15.86 -12.94
C ILE B 285 -15.33 14.92 -12.63
N ILE B 286 -15.08 13.87 -11.83
CA ILE B 286 -16.11 12.81 -11.66
CA ILE B 286 -16.14 12.85 -11.75
C ILE B 286 -17.37 13.33 -10.97
N SER B 287 -17.20 14.36 -10.14
CA SER B 287 -18.37 14.91 -9.37
C SER B 287 -19.22 15.89 -10.19
N ALA B 288 -18.75 16.34 -11.37
CA ALA B 288 -19.49 17.30 -12.19
C ALA B 288 -20.67 16.56 -12.75
N ALA B 289 -21.77 17.28 -13.04
CA ALA B 289 -22.86 16.62 -13.73
C ALA B 289 -22.47 16.09 -15.15
N ASP B 290 -21.80 16.95 -15.93
CA ASP B 290 -21.31 16.54 -17.24
C ASP B 290 -19.76 16.35 -17.19
N ARG B 291 -19.35 15.08 -17.08
CA ARG B 291 -17.94 14.77 -16.86
C ARG B 291 -17.22 15.05 -18.19
N LEU B 292 -17.93 15.02 -19.33
CA LEU B 292 -17.16 15.29 -20.59
C LEU B 292 -16.71 16.78 -20.66
N GLU B 293 -17.67 17.68 -20.38
CA GLU B 293 -17.42 19.07 -20.27
CA GLU B 293 -17.40 19.11 -20.30
C GLU B 293 -16.35 19.37 -19.28
N ALA B 294 -16.45 18.67 -18.15
CA ALA B 294 -15.48 18.94 -17.12
C ALA B 294 -14.05 18.52 -17.54
N ALA B 295 -13.96 17.39 -18.24
CA ALA B 295 -12.66 16.83 -18.63
C ALA B 295 -12.07 17.84 -19.67
N GLU B 296 -12.94 18.41 -20.51
CA GLU B 296 -12.45 19.40 -21.51
C GLU B 296 -11.92 20.68 -20.86
N MET B 297 -12.60 21.16 -19.83
CA MET B 297 -12.10 22.31 -19.09
CA MET B 297 -12.10 22.31 -19.03
C MET B 297 -10.74 22.06 -18.49
N TYR B 298 -10.56 20.88 -17.89
CA TYR B 298 -9.28 20.54 -17.26
C TYR B 298 -8.22 20.34 -18.37
N ARG B 299 -8.64 19.73 -19.49
CA ARG B 299 -7.63 19.49 -20.58
C ARG B 299 -7.11 20.82 -21.15
N LYS B 300 -8.04 21.72 -21.45
CA LYS B 300 -7.68 23.08 -21.94
C LYS B 300 -6.81 23.79 -20.97
N ALA B 301 -7.20 23.75 -19.69
CA ALA B 301 -6.41 24.42 -18.71
C ALA B 301 -4.99 23.85 -18.64
N ALA B 302 -4.84 22.52 -18.59
CA ALA B 302 -3.52 21.98 -18.35
C ALA B 302 -2.63 22.20 -19.59
N TRP B 303 -3.27 22.08 -20.73
CA TRP B 303 -2.56 22.14 -22.03
C TRP B 303 -2.11 23.58 -22.35
N GLU B 304 -3.05 24.52 -22.24
CA GLU B 304 -2.75 25.98 -22.32
C GLU B 304 -1.67 26.34 -21.30
N ALA B 305 -1.75 25.81 -20.06
CA ALA B 305 -0.66 26.11 -19.10
C ALA B 305 0.68 25.55 -19.55
N TYR B 306 0.66 24.39 -20.20
CA TYR B 306 1.88 23.76 -20.76
C TYR B 306 2.45 24.65 -21.91
N LEU B 307 1.59 25.06 -22.85
CA LEU B 307 1.99 25.98 -23.96
C LEU B 307 2.68 27.25 -23.43
N SER B 308 2.07 27.85 -22.41
CA SER B 308 2.60 29.06 -21.79
C SER B 308 3.99 28.90 -21.22
N ARG B 309 4.33 27.74 -20.64
CA ARG B 309 5.66 27.51 -20.01
C ARG B 309 6.72 27.32 -21.10
N LEU B 310 6.23 26.99 -22.29
CA LEU B 310 7.08 26.83 -23.46
C LEU B 310 7.40 28.16 -24.18
N GLY B 311 6.69 29.26 -23.88
CA GLY B 311 6.93 30.57 -24.49
C GLY B 311 6.38 30.72 -25.90
#